data_5ETK
#
_entry.id   5ETK
#
_cell.length_a   35.790
_cell.length_b   57.690
_cell.length_c   38.450
_cell.angle_alpha   90.00
_cell.angle_beta   115.57
_cell.angle_gamma   90.00
#
_symmetry.space_group_name_H-M   'P 1 21 1'
#
loop_
_entity.id
_entity.type
_entity.pdbx_description
1 polymer '2-amino-4-hydroxy-6-hydroxymethyldihydropteridine pyrophosphokinase'
2 non-polymer 'DIPHOSPHOMETHYLPHOSPHONIC ACID ADENOSYL ESTER'
3 non-polymer 2-azanyl-8-[(2-fluorophenyl)methylsulfanyl]-1,9-dihydropurin-6-one
4 non-polymer 'CALCIUM ION'
5 non-polymer 'CHLORIDE ION'
6 non-polymer 'SODIUM ION'
7 water water
#
_entity_poly.entity_id   1
_entity_poly.type   'polypeptide(L)'
_entity_poly.pdbx_seq_one_letter_code
;GSAMTVAYIAIGSNLASPLEQVNAALKALGDIPESHILTVSSFYRTPPLGPQDQPDYLNAAVALETSLAPEELLNHTQRI
ELQQGRVRKAERWGPRTLDLDIMLFGNEVINTERLTVPHYDMKNRGFMLWPLFEIAPELVFPDGEMLRQILHTRAFDKLN
KW
;
_entity_poly.pdbx_strand_id   A
#
# COMPACT_ATOMS: atom_id res chain seq x y z
N MET A 4 18.39 -6.12 -7.13
CA MET A 4 17.35 -5.55 -6.37
C MET A 4 16.33 -4.89 -7.27
N THR A 5 15.15 -4.76 -6.71
CA THR A 5 14.04 -4.05 -7.33
C THR A 5 13.42 -3.14 -6.26
N VAL A 6 12.72 -2.10 -6.70
CA VAL A 6 11.93 -1.28 -5.76
C VAL A 6 10.51 -1.68 -5.88
N ALA A 7 9.97 -2.13 -4.74
CA ALA A 7 8.52 -2.43 -4.61
C ALA A 7 7.86 -1.23 -3.92
N TYR A 8 6.63 -1.00 -4.27
CA TYR A 8 5.86 0.08 -3.66
C TYR A 8 4.67 -0.56 -2.98
N ILE A 9 4.52 -0.32 -1.67
CA ILE A 9 3.52 -0.97 -0.83
C ILE A 9 2.57 0.10 -0.31
N ALA A 10 1.30 -0.13 -0.51
CA ALA A 10 0.26 0.73 0.09
C ALA A 10 -0.06 0.21 1.47
N ILE A 11 -0.27 1.16 2.40
CA ILE A 11 -0.64 0.85 3.78
C ILE A 11 -1.98 1.45 4.06
N GLY A 12 -2.87 0.66 4.66
CA GLY A 12 -4.12 1.15 5.17
C GLY A 12 -4.40 0.57 6.54
N SER A 13 -5.10 1.36 7.37
CA SER A 13 -5.58 0.89 8.67
C SER A 13 -6.77 1.74 9.06
N ASN A 14 -7.83 1.11 9.56
CA ASN A 14 -8.93 1.90 10.14
C ASN A 14 -9.49 1.34 11.43
N LEU A 15 -8.72 0.45 12.08
CA LEU A 15 -9.13 -0.12 13.36
C LEU A 15 -7.96 -0.11 14.31
N ALA A 16 -8.32 -0.06 15.62
CA ALA A 16 -7.39 -0.31 16.71
C ALA A 16 -6.20 0.64 16.70
N SER A 17 -6.53 1.92 16.58
CA SER A 17 -5.54 3.01 16.60
CA SER A 17 -5.59 3.04 16.56
C SER A 17 -4.68 3.02 15.34
N PRO A 18 -5.20 3.49 14.21
CA PRO A 18 -4.45 3.39 12.97
C PRO A 18 -3.04 3.97 13.00
N LEU A 19 -2.81 5.08 13.70
CA LEU A 19 -1.46 5.62 13.78
C LEU A 19 -0.49 4.63 14.41
N GLU A 20 -0.94 3.99 15.48
CA GLU A 20 -0.15 2.96 16.13
C GLU A 20 0.09 1.76 15.21
N GLN A 21 -0.96 1.34 14.50
CA GLN A 21 -0.81 0.19 13.61
C GLN A 21 0.19 0.50 12.51
N VAL A 22 0.11 1.70 11.93
CA VAL A 22 0.96 2.02 10.79
C VAL A 22 2.42 2.22 11.26
N ASN A 23 2.61 2.86 12.42
CA ASN A 23 4.02 2.96 12.94
C ASN A 23 4.60 1.58 13.24
N ALA A 24 3.78 0.69 13.80
CA ALA A 24 4.26 -0.67 14.04
C ALA A 24 4.58 -1.38 12.72
N ALA A 25 3.75 -1.14 11.69
CA ALA A 25 3.98 -1.76 10.42
C ALA A 25 5.28 -1.30 9.78
N LEU A 26 5.61 -0.02 9.93
CA LEU A 26 6.87 0.49 9.40
C LEU A 26 8.06 -0.20 10.03
N LYS A 27 7.99 -0.45 11.33
CA LYS A 27 9.05 -1.14 12.00
C LYS A 27 9.16 -2.58 11.44
N ALA A 28 8.02 -3.25 11.28
CA ALA A 28 8.01 -4.62 10.77
C ALA A 28 8.47 -4.67 9.32
N LEU A 29 8.10 -3.70 8.50
CA LEU A 29 8.57 -3.66 7.11
C LEU A 29 10.12 -3.55 7.06
N GLY A 30 10.68 -2.77 8.00
CA GLY A 30 12.15 -2.68 8.11
C GLY A 30 12.82 -4.03 8.37
N ASP A 31 12.13 -4.88 9.07
CA ASP A 31 12.66 -6.17 9.44
C ASP A 31 12.45 -7.26 8.41
N ILE A 32 11.80 -6.95 7.30
CA ILE A 32 11.71 -7.91 6.21
C ILE A 32 13.15 -8.17 5.74
N PRO A 33 13.53 -9.43 5.53
CA PRO A 33 14.89 -9.73 5.05
C PRO A 33 15.09 -9.35 3.58
N GLU A 34 16.34 -9.19 3.19
CA GLU A 34 16.74 -8.87 1.84
C GLU A 34 16.10 -7.56 1.35
N SER A 35 15.79 -6.65 2.27
CA SER A 35 14.97 -5.49 1.93
C SER A 35 15.34 -4.29 2.80
N HIS A 36 15.14 -3.09 2.25
CA HIS A 36 15.36 -1.84 2.95
C HIS A 36 14.26 -0.86 2.56
N ILE A 37 13.66 -0.19 3.55
CA ILE A 37 12.78 0.93 3.23
C ILE A 37 13.61 2.11 2.68
N LEU A 38 13.21 2.61 1.54
CA LEU A 38 13.84 3.80 0.98
C LEU A 38 13.09 5.08 1.33
N THR A 39 11.75 5.04 1.37
CA THR A 39 10.97 6.28 1.47
C THR A 39 9.63 5.96 2.09
N VAL A 40 9.16 6.85 2.97
CA VAL A 40 7.85 6.74 3.56
C VAL A 40 7.07 8.01 3.25
N SER A 41 5.83 7.85 2.80
CA SER A 41 4.98 9.01 2.53
C SER A 41 4.49 9.66 3.83
N SER A 42 3.81 10.79 3.66
CA SER A 42 2.97 11.29 4.74
C SER A 42 1.83 10.32 5.01
N PHE A 43 1.21 10.49 6.16
CA PHE A 43 0.02 9.73 6.54
C PHE A 43 -1.19 10.59 6.17
N TYR A 44 -2.19 9.97 5.56
CA TYR A 44 -3.41 10.67 5.06
C TYR A 44 -4.61 10.07 5.75
N ARG A 45 -5.57 10.93 6.14
CA ARG A 45 -6.85 10.50 6.71
C ARG A 45 -7.88 10.54 5.64
N THR A 46 -8.38 9.37 5.22
CA THR A 46 -9.18 9.28 4.02
C THR A 46 -10.55 8.68 4.33
N PRO A 47 -11.59 9.20 3.68
CA PRO A 47 -12.92 8.62 3.90
C PRO A 47 -12.97 7.24 3.24
N PRO A 48 -13.73 6.29 3.82
CA PRO A 48 -13.74 4.93 3.28
C PRO A 48 -14.47 4.87 1.94
N LEU A 49 -13.83 4.16 1.00
CA LEU A 49 -14.44 3.86 -0.26
C LEU A 49 -14.92 2.41 -0.27
N GLY A 50 -15.99 2.17 -1.00
CA GLY A 50 -16.70 0.91 -0.94
C GLY A 50 -17.66 0.94 0.21
N PRO A 51 -17.69 -0.03 1.11
CA PRO A 51 -18.54 0.17 2.28
C PRO A 51 -18.12 1.41 3.07
N GLN A 52 -19.08 2.25 3.43
CA GLN A 52 -18.81 3.52 4.07
C GLN A 52 -19.15 3.52 5.55
N ASP A 53 -19.73 2.44 6.04
CA ASP A 53 -20.11 2.32 7.44
C ASP A 53 -18.94 1.76 8.25
N GLN A 54 -17.82 2.50 8.21
CA GLN A 54 -16.61 2.10 8.91
C GLN A 54 -15.83 3.39 9.18
N PRO A 55 -14.85 3.32 10.10
CA PRO A 55 -14.04 4.52 10.36
C PRO A 55 -13.19 4.94 9.17
N ASP A 56 -12.77 6.20 9.20
CA ASP A 56 -11.81 6.67 8.20
C ASP A 56 -10.51 5.90 8.28
N TYR A 57 -9.84 5.82 7.13
CA TYR A 57 -8.54 5.14 7.03
C TYR A 57 -7.38 6.10 7.26
N LEU A 58 -6.31 5.53 7.79
CA LEU A 58 -4.98 6.08 7.59
C LEU A 58 -4.39 5.37 6.41
N ASN A 59 -4.06 6.12 5.33
CA ASN A 59 -3.38 5.59 4.16
C ASN A 59 -2.00 6.21 4.00
N ALA A 60 -1.08 5.37 3.50
CA ALA A 60 0.30 5.79 3.27
C ALA A 60 0.86 4.87 2.16
N ALA A 61 2.07 5.18 1.77
CA ALA A 61 2.84 4.32 0.84
C ALA A 61 4.28 4.31 1.27
N VAL A 62 4.93 3.18 0.96
CA VAL A 62 6.34 2.97 1.22
CA VAL A 62 6.37 3.03 1.18
C VAL A 62 7.04 2.46 -0.05
N ALA A 63 8.27 2.91 -0.28
CA ALA A 63 9.16 2.34 -1.28
C ALA A 63 10.12 1.39 -0.54
N LEU A 64 10.15 0.12 -0.96
CA LEU A 64 10.92 -0.92 -0.31
C LEU A 64 11.86 -1.52 -1.39
N GLU A 65 13.16 -1.30 -1.26
CA GLU A 65 14.12 -1.98 -2.11
C GLU A 65 14.27 -3.40 -1.64
N THR A 66 14.24 -4.37 -2.56
CA THR A 66 14.27 -5.78 -2.13
C THR A 66 14.93 -6.66 -3.17
N SER A 67 15.57 -7.72 -2.70
N SER A 67 15.58 -7.72 -2.69
CA SER A 67 15.96 -8.84 -3.56
CA SER A 67 15.97 -8.85 -3.55
C SER A 67 15.10 -10.08 -3.37
C SER A 67 15.09 -10.09 -3.37
N LEU A 68 14.02 -9.97 -2.57
CA LEU A 68 13.07 -11.06 -2.47
C LEU A 68 12.35 -11.31 -3.76
N ALA A 69 11.93 -12.53 -3.97
CA ALA A 69 10.96 -12.80 -5.00
C ALA A 69 9.63 -12.11 -4.64
N PRO A 70 8.82 -11.74 -5.65
CA PRO A 70 7.54 -11.07 -5.34
C PRO A 70 6.63 -11.80 -4.37
N GLU A 71 6.48 -13.12 -4.55
CA GLU A 71 5.65 -13.87 -3.60
C GLU A 71 6.27 -14.02 -2.25
N GLU A 72 7.60 -13.96 -2.17
CA GLU A 72 8.27 -13.99 -0.86
C GLU A 72 7.96 -12.66 -0.14
N LEU A 73 7.97 -11.54 -0.89
CA LEU A 73 7.57 -10.29 -0.26
C LEU A 73 6.12 -10.39 0.25
N LEU A 74 5.22 -10.94 -0.56
CA LEU A 74 3.84 -11.15 -0.12
C LEU A 74 3.76 -11.98 1.14
N ASN A 75 4.61 -13.02 1.24
CA ASN A 75 4.61 -13.81 2.46
C ASN A 75 4.82 -12.96 3.68
N HIS A 76 5.82 -12.06 3.60
CA HIS A 76 6.12 -11.19 4.72
C HIS A 76 5.03 -10.17 4.98
N THR A 77 4.46 -9.56 3.94
CA THR A 77 3.42 -8.57 4.21
C THR A 77 2.19 -9.23 4.83
N GLN A 78 1.81 -10.43 4.35
CA GLN A 78 0.69 -11.15 4.99
C GLN A 78 1.01 -11.52 6.41
N ARG A 79 2.23 -11.97 6.68
CA ARG A 79 2.64 -12.28 8.04
C ARG A 79 2.45 -11.08 8.94
N ILE A 80 2.93 -9.90 8.48
CA ILE A 80 2.85 -8.70 9.31
C ILE A 80 1.39 -8.34 9.61
N GLU A 81 0.53 -8.40 8.58
CA GLU A 81 -0.88 -8.14 8.83
CA GLU A 81 -0.89 -8.13 8.83
C GLU A 81 -1.45 -9.06 9.89
N LEU A 82 -1.18 -10.37 9.74
CA LEU A 82 -1.72 -11.33 10.72
C LEU A 82 -1.15 -11.12 12.11
N GLN A 83 0.15 -10.78 12.19
CA GLN A 83 0.78 -10.55 13.48
C GLN A 83 0.28 -9.26 14.13
N GLN A 84 -0.32 -8.34 13.37
CA GLN A 84 -0.97 -7.13 13.88
C GLN A 84 -2.47 -7.30 13.97
N GLY A 85 -2.88 -8.53 14.10
CA GLY A 85 -4.22 -8.81 14.54
C GLY A 85 -5.27 -8.71 13.48
N ARG A 86 -4.91 -8.74 12.19
CA ARG A 86 -5.88 -8.76 11.16
C ARG A 86 -6.69 -10.06 11.20
N VAL A 87 -8.01 -9.89 11.27
CA VAL A 87 -8.99 -10.98 11.38
C VAL A 87 -9.87 -10.88 10.16
N ARG A 88 -10.08 -12.01 9.51
CA ARG A 88 -10.97 -12.05 8.38
C ARG A 88 -12.41 -12.28 8.82
N LYS A 89 -13.29 -11.40 8.37
CA LYS A 89 -14.72 -11.48 8.61
C LYS A 89 -15.35 -11.78 7.24
N ALA A 90 -16.59 -12.21 7.28
CA ALA A 90 -17.29 -12.53 6.04
C ALA A 90 -17.61 -11.26 5.11
N GLU A 91 -17.82 -10.07 5.65
CA GLU A 91 -18.18 -8.90 4.83
C GLU A 91 -17.07 -8.55 3.89
N ARG A 92 -17.44 -8.33 2.64
CA ARG A 92 -16.46 -7.91 1.67
C ARG A 92 -15.97 -6.50 2.01
N TRP A 93 -14.64 -6.33 1.96
CA TRP A 93 -14.01 -4.97 2.14
C TRP A 93 -14.36 -4.38 3.50
N GLY A 94 -14.38 -5.23 4.51
CA GLY A 94 -14.61 -4.74 5.83
C GLY A 94 -13.41 -4.00 6.43
N PRO A 95 -13.59 -3.36 7.61
CA PRO A 95 -12.50 -2.67 8.25
C PRO A 95 -11.39 -3.61 8.69
N ARG A 96 -10.19 -3.06 8.85
CA ARG A 96 -9.04 -3.92 9.22
C ARG A 96 -8.01 -3.12 10.01
N THR A 97 -7.30 -3.85 10.85
CA THR A 97 -6.17 -3.29 11.61
C THR A 97 -5.02 -2.88 10.70
N LEU A 98 -4.75 -3.67 9.67
CA LEU A 98 -3.65 -3.37 8.77
C LEU A 98 -3.88 -4.05 7.46
N ASP A 99 -3.62 -3.30 6.38
CA ASP A 99 -3.69 -3.80 5.01
C ASP A 99 -2.41 -3.33 4.31
N LEU A 100 -1.66 -4.29 3.78
CA LEU A 100 -0.43 -4.05 3.03
C LEU A 100 -0.61 -4.61 1.62
N ASP A 101 -0.88 -3.72 0.69
CA ASP A 101 -1.06 -4.10 -0.69
C ASP A 101 0.21 -3.85 -1.48
N ILE A 102 0.66 -4.83 -2.24
CA ILE A 102 1.81 -4.61 -3.11
C ILE A 102 1.29 -3.93 -4.36
N MET A 103 1.59 -2.64 -4.48
CA MET A 103 1.12 -1.87 -5.65
C MET A 103 1.89 -2.23 -6.89
N LEU A 104 3.21 -2.17 -6.76
CA LEU A 104 4.18 -2.34 -7.87
C LEU A 104 5.35 -3.13 -7.36
N PHE A 105 5.95 -3.91 -8.25
CA PHE A 105 7.18 -4.64 -7.95
C PHE A 105 8.13 -4.38 -9.11
N GLY A 106 8.90 -3.30 -9.00
CA GLY A 106 9.62 -2.81 -10.16
C GLY A 106 8.69 -2.60 -11.32
N ASN A 107 9.18 -3.01 -12.50
CA ASN A 107 8.38 -2.88 -13.71
C ASN A 107 7.68 -4.21 -14.01
N GLU A 108 7.66 -5.15 -13.04
CA GLU A 108 7.15 -6.48 -13.26
C GLU A 108 5.61 -6.56 -13.38
N VAL A 109 5.12 -7.44 -14.22
CA VAL A 109 3.69 -7.75 -14.34
C VAL A 109 3.57 -9.17 -13.85
N ILE A 110 2.81 -9.36 -12.79
CA ILE A 110 2.81 -10.64 -12.06
C ILE A 110 1.35 -11.01 -12.02
N ASN A 111 1.11 -12.26 -12.36
CA ASN A 111 -0.20 -12.76 -12.28
C ASN A 111 -0.02 -14.24 -11.82
N THR A 112 -0.02 -14.49 -10.51
CA THR A 112 0.14 -15.85 -9.98
C THR A 112 -1.16 -16.11 -9.21
N GLU A 113 -1.31 -17.28 -8.58
CA GLU A 113 -2.54 -17.56 -7.83
C GLU A 113 -2.69 -16.58 -6.65
N ARG A 114 -1.60 -16.26 -5.99
CA ARG A 114 -1.71 -15.40 -4.80
C ARG A 114 -1.49 -13.88 -5.00
N LEU A 115 -0.98 -13.51 -6.17
CA LEU A 115 -0.42 -12.15 -6.34
C LEU A 115 -0.74 -11.62 -7.77
N THR A 116 -1.36 -10.44 -7.82
CA THR A 116 -1.57 -9.66 -9.03
C THR A 116 -0.95 -8.29 -8.89
N VAL A 117 0.04 -8.01 -9.72
CA VAL A 117 0.78 -6.75 -9.71
C VAL A 117 0.90 -6.29 -11.15
N PRO A 118 0.74 -5.00 -11.44
CA PRO A 118 0.26 -3.93 -10.54
C PRO A 118 -1.04 -4.27 -9.85
N HIS A 119 -1.24 -3.68 -8.68
CA HIS A 119 -2.54 -3.82 -8.00
C HIS A 119 -3.64 -3.43 -9.00
N TYR A 120 -4.67 -4.28 -9.06
CA TYR A 120 -5.64 -4.21 -10.14
C TYR A 120 -6.44 -2.90 -10.23
N ASP A 121 -6.58 -2.18 -9.13
CA ASP A 121 -7.42 -0.97 -9.10
C ASP A 121 -6.66 0.28 -8.70
N MET A 122 -5.33 0.20 -8.56
CA MET A 122 -4.63 1.34 -7.97
C MET A 122 -4.76 2.61 -8.79
N LYS A 123 -4.86 2.49 -10.13
CA LYS A 123 -4.94 3.70 -10.97
C LYS A 123 -6.23 4.44 -10.81
N ASN A 124 -7.18 3.89 -10.05
CA ASN A 124 -8.46 4.54 -9.76
C ASN A 124 -8.61 5.04 -8.34
N ARG A 125 -7.56 4.94 -7.53
CA ARG A 125 -7.67 5.19 -6.11
C ARG A 125 -6.72 6.32 -5.70
N GLY A 126 -7.27 7.48 -5.39
CA GLY A 126 -6.45 8.57 -4.95
C GLY A 126 -5.66 8.26 -3.68
N PHE A 127 -6.25 7.46 -2.78
CA PHE A 127 -5.58 7.14 -1.53
C PHE A 127 -4.36 6.24 -1.72
N MET A 128 -4.18 5.64 -2.90
CA MET A 128 -2.98 4.95 -3.31
C MET A 128 -2.06 5.88 -4.10
N LEU A 129 -2.61 6.59 -5.08
CA LEU A 129 -1.81 7.35 -6.01
C LEU A 129 -1.15 8.59 -5.39
N TRP A 130 -1.87 9.31 -4.53
CA TRP A 130 -1.28 10.52 -3.98
C TRP A 130 -0.09 10.24 -3.07
N PRO A 131 -0.18 9.26 -2.13
CA PRO A 131 1.02 8.93 -1.35
C PRO A 131 2.14 8.39 -2.22
N LEU A 132 1.79 7.64 -3.26
CA LEU A 132 2.81 7.14 -4.18
C LEU A 132 3.53 8.28 -4.89
N PHE A 133 2.78 9.28 -5.33
CA PHE A 133 3.38 10.45 -6.02
C PHE A 133 4.27 11.23 -5.07
N GLU A 134 3.93 11.30 -3.79
CA GLU A 134 4.74 11.97 -2.81
C GLU A 134 6.12 11.36 -2.73
N ILE A 135 6.23 10.03 -2.81
CA ILE A 135 7.51 9.35 -2.65
C ILE A 135 8.19 9.03 -3.98
N ALA A 136 7.46 9.05 -5.10
CA ALA A 136 8.00 8.63 -6.38
C ALA A 136 7.34 9.44 -7.49
N PRO A 137 7.60 10.77 -7.51
CA PRO A 137 6.90 11.61 -8.50
C PRO A 137 7.22 11.28 -9.95
N GLU A 138 8.35 10.66 -10.19
CA GLU A 138 8.76 10.31 -11.54
C GLU A 138 8.28 8.93 -11.99
N LEU A 139 7.43 8.27 -11.22
CA LEU A 139 7.10 6.90 -11.50
C LEU A 139 6.40 6.73 -12.84
N VAL A 140 6.83 5.67 -13.54
CA VAL A 140 6.21 5.19 -14.75
C VAL A 140 5.78 3.76 -14.50
N PHE A 141 4.54 3.44 -14.84
CA PHE A 141 3.95 2.10 -14.71
C PHE A 141 4.52 1.14 -15.73
N PRO A 142 4.30 -0.17 -15.53
CA PRO A 142 4.81 -1.15 -16.51
C PRO A 142 4.27 -0.92 -17.92
N ASP A 143 3.05 -0.38 -18.03
CA ASP A 143 2.46 -0.11 -19.35
C ASP A 143 2.83 1.25 -19.89
N GLY A 144 3.85 1.92 -19.33
CA GLY A 144 4.29 3.21 -19.82
C GLY A 144 3.50 4.40 -19.31
N GLU A 145 2.37 4.19 -18.63
CA GLU A 145 1.62 5.35 -18.16
C GLU A 145 2.40 6.06 -17.06
N MET A 146 2.37 7.39 -17.10
CA MET A 146 3.05 8.15 -16.09
C MET A 146 2.14 8.49 -14.92
N LEU A 147 2.63 8.29 -13.69
CA LEU A 147 1.87 8.68 -12.52
C LEU A 147 1.47 10.15 -12.55
N ARG A 148 2.40 11.02 -12.94
CA ARG A 148 2.06 12.44 -12.97
C ARG A 148 0.94 12.73 -13.91
N GLN A 149 0.85 12.02 -15.04
CA GLN A 149 -0.19 12.28 -16.05
C GLN A 149 -1.54 11.82 -15.55
N ILE A 150 -1.60 10.69 -14.88
CA ILE A 150 -2.86 10.23 -14.29
C ILE A 150 -3.37 11.27 -13.30
N LEU A 151 -2.50 11.72 -12.40
CA LEU A 151 -2.93 12.67 -11.39
C LEU A 151 -3.25 14.06 -11.97
N HIS A 152 -2.64 14.41 -13.11
CA HIS A 152 -2.95 15.68 -13.73
C HIS A 152 -4.32 15.66 -14.39
N THR A 153 -4.68 14.52 -14.99
CA THR A 153 -5.82 14.39 -15.89
C THR A 153 -7.08 13.93 -15.17
N ARG A 154 -6.95 13.02 -14.23
CA ARG A 154 -8.13 12.45 -13.61
C ARG A 154 -8.59 13.08 -12.32
N ALA A 155 -9.89 13.15 -12.15
CA ALA A 155 -10.46 13.79 -10.99
C ALA A 155 -10.37 12.78 -9.88
N PHE A 156 -9.63 13.17 -8.91
CA PHE A 156 -9.62 12.52 -7.67
C PHE A 156 -9.89 13.63 -6.66
N ASP A 157 -10.59 13.25 -5.63
CA ASP A 157 -10.84 14.19 -4.53
C ASP A 157 -9.53 14.50 -3.83
N LYS A 158 -9.35 15.70 -3.35
CA LYS A 158 -8.25 16.15 -2.56
C LYS A 158 -8.06 15.28 -1.28
N LEU A 159 -6.82 14.87 -0.95
CA LEU A 159 -6.55 14.13 0.28
C LEU A 159 -6.00 15.06 1.29
N ASN A 160 -6.36 14.81 2.53
CA ASN A 160 -5.85 15.56 3.66
C ASN A 160 -4.92 14.70 4.50
N LYS A 161 -3.85 15.29 4.99
CA LYS A 161 -2.95 14.60 5.86
C LYS A 161 -3.62 14.31 7.19
N TRP A 162 -3.15 13.23 7.84
CA TRP A 162 -3.62 12.76 9.12
C TRP A 162 -3.41 13.82 10.20
#